data_2HC9
#
_entry.id   2HC9
#
_cell.length_a   131.309
_cell.length_b   131.309
_cell.length_c   126.344
_cell.angle_alpha   90.00
_cell.angle_beta   90.00
_cell.angle_gamma   120.00
#
_symmetry.space_group_name_H-M   'P 63 2 2'
#
loop_
_entity.id
_entity.type
_entity.pdbx_description
1 polymer 'Leucine aminopeptidase 1'
2 non-polymer 'ZINC ION'
3 non-polymer 'BICARBONATE ION'
4 non-polymer 'SULFATE ION'
5 non-polymer 'SODIUM ION'
6 non-polymer GLYCEROL
7 water water
#
_entity_poly.entity_id   1
_entity_poly.type   'polypeptide(L)'
_entity_poly.pdbx_seq_one_letter_code
;MTQVLVRNGIQAVGDGLTSLIIVGKKSVLKNVTFEGKFKEVAQKFVTDGDSWNSMISRIPASGRHPLHYELAHLITVPDA
SSRGNTPTNAHSIYKELKPINYPEDTKNVHFVLFAEYPDVLSHVAAIARTFCKFSMKTSGIRELNVNIDVVCDKLTNEDA
VFLTDLSESVRETARLIDTPANILTTDALVDEAVKVGNATGSKITVIRGEELLKAGFGGIYHVGKAGPTPPAFVVLSHEV
PGSTEHIALVGKGVVYDTGGLQIKTKTGMPNMKRDMGGAAGMLEAYSALVKHGFSQTLHACLCIVENNVSPIANKPDDII
KMLSGKTVEINNTDAEGRLILADGVFYAKETLKATTIFDMATLTGAQAWLSGRLHGAAMTNDEQLENEIIKAGKASGDLV
APMLFAPDLFFGDLKSSIADMKNSNLGKMDGPPSAVAGLLIGAHIGFGEGLRWLHLDIAAPAEVGDRGTGYGPALFSTLL
GKYTSVPMLKQ
;
_entity_poly.pdbx_strand_id   A
#
loop_
_chem_comp.id
_chem_comp.type
_chem_comp.name
_chem_comp.formula
BCT non-polymer 'BICARBONATE ION' 'C H O3 -1'
GOL non-polymer GLYCEROL 'C3 H8 O3'
NA non-polymer 'SODIUM ION' 'Na 1'
SO4 non-polymer 'SULFATE ION' 'O4 S -2'
ZN non-polymer 'ZINC ION' 'Zn 2'
#
# COMPACT_ATOMS: atom_id res chain seq x y z
N THR A 2 -10.98 16.64 2.96
CA THR A 2 -9.68 17.39 2.92
C THR A 2 -9.03 17.13 1.58
N GLN A 3 -8.54 18.19 0.94
N GLN A 3 -8.60 18.21 0.93
CA GLN A 3 -7.88 18.05 -0.35
CA GLN A 3 -7.89 18.18 -0.37
C GLN A 3 -6.39 18.30 -0.22
C GLN A 3 -6.40 18.18 -0.10
N VAL A 4 -5.62 17.49 -0.94
CA VAL A 4 -4.16 17.57 -0.89
C VAL A 4 -3.62 17.87 -2.27
N LEU A 5 -2.91 18.99 -2.40
CA LEU A 5 -2.29 19.35 -3.68
C LEU A 5 -0.80 19.46 -3.44
N VAL A 6 -0.03 18.89 -4.34
CA VAL A 6 1.41 18.97 -4.30
C VAL A 6 1.84 19.99 -5.37
N ARG A 7 2.64 20.97 -4.96
CA ARG A 7 3.11 21.99 -5.91
C ARG A 7 4.62 22.04 -6.01
N ASN A 8 5.08 22.49 -7.16
CA ASN A 8 6.50 22.61 -7.46
C ASN A 8 6.92 24.02 -7.05
N GLY A 9 7.41 24.20 -5.82
CA GLY A 9 7.86 25.50 -5.32
C GLY A 9 6.88 26.14 -4.33
N ILE A 10 7.43 26.92 -3.40
CA ILE A 10 6.63 27.64 -2.40
C ILE A 10 5.72 28.66 -3.09
N GLN A 11 4.42 28.57 -2.81
CA GLN A 11 3.46 29.52 -3.34
C GLN A 11 2.53 29.93 -2.22
N ALA A 12 1.72 30.97 -2.44
CA ALA A 12 0.77 31.42 -1.42
C ALA A 12 -0.34 30.37 -1.25
N VAL A 13 -0.95 30.35 -0.08
CA VAL A 13 -2.13 29.51 0.12
C VAL A 13 -3.36 30.40 0.24
N GLY A 14 -4.53 29.81 0.36
CA GLY A 14 -5.77 30.61 0.48
C GLY A 14 -5.81 31.57 1.66
N ASP A 15 -6.79 32.46 1.62
CA ASP A 15 -7.32 33.10 2.82
C ASP A 15 -7.67 32.02 3.86
N GLY A 16 -7.64 32.41 5.13
CA GLY A 16 -8.12 31.52 6.17
C GLY A 16 -6.97 31.10 7.07
N LEU A 17 -7.30 30.73 8.30
CA LEU A 17 -6.30 30.36 9.31
C LEU A 17 -5.47 29.22 8.75
N THR A 18 -4.15 29.39 8.82
CA THR A 18 -3.19 28.47 8.20
C THR A 18 -2.25 27.91 9.25
N SER A 19 -2.14 26.58 9.26
CA SER A 19 -1.06 25.88 9.96
CA SER A 19 -1.07 25.91 9.98
C SER A 19 0.12 25.67 9.05
N LEU A 20 1.31 25.92 9.56
CA LEU A 20 2.51 25.77 8.74
C LEU A 20 3.38 24.66 9.29
N ILE A 21 3.77 23.73 8.42
CA ILE A 21 4.72 22.70 8.85
C ILE A 21 5.90 22.67 7.88
N ILE A 22 7.09 22.93 8.41
CA ILE A 22 8.33 22.89 7.62
C ILE A 22 9.04 21.54 7.81
N VAL A 23 9.43 20.92 6.70
CA VAL A 23 10.03 19.59 6.75
C VAL A 23 11.35 19.51 5.99
N GLY A 24 12.39 18.96 6.62
CA GLY A 24 13.64 18.75 5.90
C GLY A 24 14.65 17.91 6.70
N LYS A 25 15.54 17.23 5.98
CA LYS A 25 16.77 16.74 6.60
C LYS A 25 17.63 17.85 7.18
N LYS A 26 18.26 17.53 8.31
CA LYS A 26 19.11 18.47 9.03
C LYS A 26 20.13 19.15 8.12
N SER A 27 20.78 18.38 7.26
CA SER A 27 21.82 18.94 6.40
C SER A 27 21.23 19.93 5.41
N VAL A 28 20.00 19.65 4.95
CA VAL A 28 19.34 20.51 3.97
C VAL A 28 18.87 21.80 4.65
N LEU A 29 18.18 21.63 5.79
CA LEU A 29 17.73 22.76 6.61
C LEU A 29 18.88 23.69 7.01
N LYS A 30 20.05 23.13 7.29
CA LYS A 30 21.24 23.93 7.64
C LYS A 30 21.59 24.90 6.49
N ASN A 31 21.30 24.52 5.26
CA ASN A 31 21.66 25.34 4.11
C ASN A 31 20.54 26.24 3.60
N VAL A 32 19.36 26.14 4.19
CA VAL A 32 18.26 27.00 3.79
C VAL A 32 18.51 28.45 4.24
N THR A 33 18.38 29.39 3.31
CA THR A 33 18.46 30.83 3.63
C THR A 33 17.08 31.39 3.97
N PHE A 34 16.98 32.07 5.11
CA PHE A 34 15.76 32.78 5.48
C PHE A 34 15.60 34.05 4.63
N GLU A 35 15.07 33.89 3.43
CA GLU A 35 14.86 34.99 2.49
C GLU A 35 13.71 34.61 1.56
N GLY A 36 13.27 35.55 0.72
CA GLY A 36 12.44 35.23 -0.43
C GLY A 36 11.10 34.68 -0.02
N LYS A 37 10.61 33.70 -0.79
CA LYS A 37 9.28 33.12 -0.56
CA LYS A 37 9.28 33.13 -0.56
C LYS A 37 9.20 32.35 0.76
N PHE A 38 10.31 31.72 1.14
CA PHE A 38 10.36 30.98 2.40
C PHE A 38 10.18 31.94 3.58
N LYS A 39 10.92 33.05 3.58
CA LYS A 39 10.77 34.08 4.60
C LYS A 39 9.35 34.61 4.65
N GLU A 40 8.77 34.85 3.48
CA GLU A 40 7.39 35.33 3.40
C GLU A 40 6.44 34.39 4.16
N VAL A 41 6.62 33.09 4.00
CA VAL A 41 5.76 32.08 4.61
C VAL A 41 6.07 31.87 6.10
N ALA A 42 7.33 31.93 6.47
CA ALA A 42 7.73 31.52 7.81
C ALA A 42 7.77 32.63 8.85
N GLN A 43 7.79 33.89 8.41
CA GLN A 43 8.07 34.99 9.35
CA GLN A 43 8.07 35.00 9.33
C GLN A 43 6.91 35.34 10.28
N LYS A 44 5.72 34.82 10.01
CA LYS A 44 4.65 34.75 11.02
CA LYS A 44 4.68 34.79 11.05
C LYS A 44 5.15 34.07 12.31
N PHE A 45 5.98 33.04 12.14
CA PHE A 45 6.34 32.17 13.25
C PHE A 45 7.79 32.28 13.67
N VAL A 46 8.67 32.54 12.70
CA VAL A 46 10.10 32.68 12.97
C VAL A 46 10.55 34.14 12.77
N THR A 47 11.19 34.73 13.79
CA THR A 47 11.38 36.17 13.86
C THR A 47 12.13 36.72 12.65
N ASP A 48 13.34 36.22 12.45
CA ASP A 48 14.20 36.63 11.34
C ASP A 48 15.22 35.55 11.07
N GLY A 49 16.13 35.81 10.13
CA GLY A 49 17.23 34.91 9.81
C GLY A 49 18.10 34.45 10.96
N ASP A 50 18.42 35.35 11.89
CA ASP A 50 19.31 34.99 13.00
C ASP A 50 18.65 33.98 13.92
N SER A 51 17.41 34.28 14.29
CA SER A 51 16.60 33.37 15.11
C SER A 51 16.40 32.02 14.41
N TRP A 52 16.10 32.03 13.12
CA TRP A 52 16.15 30.82 12.30
C TRP A 52 17.46 30.05 12.47
N ASN A 53 18.58 30.72 12.20
CA ASN A 53 19.88 30.04 12.26
C ASN A 53 20.21 29.54 13.66
N SER A 54 19.90 30.37 14.65
CA SER A 54 20.08 29.99 16.05
C SER A 54 19.34 28.69 16.37
N MET A 55 18.05 28.62 15.99
CA MET A 55 17.25 27.41 16.20
C MET A 55 17.81 26.16 15.51
N ILE A 56 18.12 26.27 14.21
CA ILE A 56 18.71 25.17 13.46
C ILE A 56 20.01 24.65 14.11
N SER A 57 20.85 25.57 14.60
CA SER A 57 22.03 25.19 15.42
C SER A 57 21.67 24.34 16.64
N ARG A 58 20.64 24.72 17.39
CA ARG A 58 20.31 24.04 18.67
C ARG A 58 19.64 22.70 18.48
N ILE A 59 18.76 22.56 17.49
CA ILE A 59 17.92 21.37 17.43
C ILE A 59 18.76 20.15 17.09
N PRO A 60 18.39 18.98 17.61
CA PRO A 60 19.21 17.77 17.45
C PRO A 60 19.29 17.26 16.01
N ALA A 61 19.77 16.02 15.86
CA ALA A 61 19.90 15.41 14.53
C ALA A 61 18.55 15.13 13.87
N SER A 62 17.49 15.05 14.68
CA SER A 62 16.13 14.79 14.18
C SER A 62 15.05 15.03 15.27
N GLY A 63 13.79 15.16 14.86
CA GLY A 63 12.68 15.44 15.79
C GLY A 63 11.63 16.41 15.26
N ARG A 64 10.81 16.91 16.18
CA ARG A 64 9.75 17.87 15.87
C ARG A 64 9.76 19.00 16.88
N HIS A 65 9.75 20.24 16.37
CA HIS A 65 9.85 21.42 17.20
C HIS A 65 8.74 22.42 16.89
N PRO A 66 7.98 22.80 17.92
CA PRO A 66 6.89 23.75 17.72
C PRO A 66 7.41 25.17 17.47
N LEU A 67 6.78 25.86 16.53
CA LEU A 67 7.17 27.22 16.16
C LEU A 67 6.14 28.24 16.61
N HIS A 68 5.16 27.76 17.37
CA HIS A 68 3.99 28.55 17.78
C HIS A 68 3.28 27.70 18.81
N TYR A 69 2.40 28.31 19.61
CA TYR A 69 1.69 27.53 20.62
C TYR A 69 0.71 26.48 20.05
N GLU A 70 0.27 26.64 18.79
CA GLU A 70 -0.66 25.67 18.19
C GLU A 70 -0.61 25.51 16.67
N LEU A 71 -0.07 26.50 15.97
CA LEU A 71 -0.24 26.59 14.52
C LEU A 71 0.94 26.10 13.68
N ALA A 72 2.08 25.81 14.30
CA ALA A 72 3.27 25.62 13.46
C ALA A 72 4.31 24.70 14.02
N HIS A 73 4.98 23.96 13.13
CA HIS A 73 5.98 22.95 13.53
CA HIS A 73 6.01 23.01 13.57
C HIS A 73 7.13 22.90 12.53
N LEU A 74 8.32 22.61 13.01
CA LEU A 74 9.44 22.18 12.16
C LEU A 74 9.71 20.69 12.44
N ILE A 75 9.76 19.90 11.37
CA ILE A 75 10.13 18.49 11.46
C ILE A 75 11.52 18.30 10.85
N THR A 76 12.47 17.88 11.68
CA THR A 76 13.80 17.56 11.23
CA THR A 76 13.81 17.54 11.23
C THR A 76 13.93 16.05 10.98
N VAL A 77 14.32 15.70 9.76
CA VAL A 77 14.49 14.32 9.34
C VAL A 77 15.99 13.97 9.47
N PRO A 78 16.31 12.78 10.00
CA PRO A 78 17.74 12.44 10.08
C PRO A 78 18.40 12.27 8.72
N ASP A 79 19.69 12.60 8.66
CA ASP A 79 20.48 12.41 7.47
C ASP A 79 21.02 10.98 7.33
N ALA A 80 21.44 10.40 8.46
CA ALA A 80 22.03 9.05 8.48
C ALA A 80 20.97 7.96 8.32
N SER A 81 21.33 6.84 7.72
CA SER A 81 20.43 5.69 7.68
C SER A 81 21.22 4.40 7.59
N SER A 82 20.65 3.33 8.13
CA SER A 82 21.26 1.99 8.02
C SER A 82 20.96 1.39 6.66
N ARG A 83 21.73 0.35 6.33
CA ARG A 83 21.55 -0.26 5.03
CA ARG A 83 21.60 -0.38 5.08
C ARG A 83 20.19 -0.94 4.85
N GLY A 84 19.57 -1.41 5.94
CA GLY A 84 18.22 -2.04 5.86
C GLY A 84 17.07 -1.03 5.79
N ASN A 85 17.38 0.24 6.06
CA ASN A 85 16.40 1.32 6.05
C ASN A 85 16.31 1.91 4.63
N THR A 86 15.42 2.86 4.42
CA THR A 86 15.50 3.72 3.23
C THR A 86 16.38 4.94 3.56
N PRO A 87 17.27 5.33 2.62
CA PRO A 87 18.07 6.53 2.88
C PRO A 87 17.23 7.82 2.88
N THR A 88 15.98 7.73 2.42
CA THR A 88 15.05 8.87 2.52
C THR A 88 14.64 9.15 3.96
N ASN A 89 14.71 8.13 4.82
CA ASN A 89 14.20 8.24 6.22
C ASN A 89 12.74 8.72 6.28
N ALA A 90 11.96 8.36 5.27
CA ALA A 90 10.61 8.92 5.15
C ALA A 90 9.74 8.55 6.33
N HIS A 91 9.95 7.35 6.89
CA HIS A 91 9.20 6.97 8.11
C HIS A 91 9.31 7.95 9.27
N SER A 92 10.45 8.65 9.37
CA SER A 92 10.65 9.65 10.41
CA SER A 92 10.61 9.62 10.43
C SER A 92 9.67 10.81 10.27
N ILE A 93 9.35 11.19 9.03
CA ILE A 93 8.33 12.24 8.82
C ILE A 93 6.98 11.76 9.37
N TYR A 94 6.57 10.56 8.99
CA TYR A 94 5.32 10.04 9.50
C TYR A 94 5.31 9.99 11.03
N LYS A 95 6.39 9.50 11.63
CA LYS A 95 6.46 9.40 13.09
C LYS A 95 6.23 10.74 13.81
N GLU A 96 6.81 11.81 13.26
CA GLU A 96 6.74 13.13 13.88
C GLU A 96 5.44 13.86 13.55
N LEU A 97 4.91 13.58 12.36
CA LEU A 97 3.76 14.34 11.84
C LEU A 97 2.42 13.72 12.28
N LYS A 98 2.33 12.39 12.28
CA LYS A 98 1.05 11.73 12.58
C LYS A 98 0.40 12.21 13.88
N PRO A 99 1.19 12.46 14.95
CA PRO A 99 0.58 13.00 16.17
C PRO A 99 0.01 14.40 16.11
N ILE A 100 0.46 15.20 15.15
CA ILE A 100 0.06 16.60 15.13
C ILE A 100 -1.43 16.76 14.89
N ASN A 101 -2.07 17.57 15.74
CA ASN A 101 -3.43 18.02 15.52
C ASN A 101 -3.51 19.49 15.19
N TYR A 102 -4.46 19.88 14.34
CA TYR A 102 -4.61 21.28 13.93
C TYR A 102 -5.80 21.88 14.71
N PRO A 103 -5.69 23.15 15.14
CA PRO A 103 -6.85 23.76 15.78
C PRO A 103 -8.12 23.61 14.97
N GLU A 104 -9.22 23.45 15.68
CA GLU A 104 -10.56 23.25 15.12
C GLU A 104 -10.87 24.19 13.92
N ASP A 105 -10.46 25.45 14.01
CA ASP A 105 -10.81 26.42 12.98
C ASP A 105 -9.73 26.65 11.92
N THR A 106 -8.69 25.82 11.90
CA THR A 106 -7.74 25.79 10.79
C THR A 106 -8.44 25.55 9.45
N LYS A 107 -8.14 26.39 8.45
CA LYS A 107 -8.65 26.19 7.10
C LYS A 107 -7.63 25.51 6.21
N ASN A 108 -6.36 25.94 6.35
CA ASN A 108 -5.27 25.55 5.46
C ASN A 108 -4.13 24.89 6.25
N VAL A 109 -3.58 23.80 5.70
CA VAL A 109 -2.27 23.33 6.15
C VAL A 109 -1.24 23.49 5.05
N HIS A 110 -0.19 24.23 5.34
CA HIS A 110 0.83 24.51 4.36
C HIS A 110 2.12 23.76 4.75
N PHE A 111 2.53 22.81 3.93
CA PHE A 111 3.85 22.17 4.09
C PHE A 111 4.87 22.83 3.19
N VAL A 112 6.00 23.18 3.79
CA VAL A 112 7.18 23.51 3.01
C VAL A 112 8.17 22.36 3.15
N LEU A 113 8.31 21.62 2.07
CA LEU A 113 9.15 20.41 2.05
C LEU A 113 10.47 20.67 1.33
N PHE A 114 11.54 20.76 2.12
CA PHE A 114 12.90 20.89 1.56
C PHE A 114 13.49 19.51 1.36
N ALA A 115 13.37 18.97 0.16
CA ALA A 115 13.81 17.59 -0.06
C ALA A 115 14.61 17.56 -1.34
N GLU A 116 15.71 16.83 -1.30
CA GLU A 116 16.47 16.51 -2.49
CA GLU A 116 16.43 16.59 -2.52
C GLU A 116 15.66 15.61 -3.38
N TYR A 117 15.97 15.61 -4.67
CA TYR A 117 15.16 14.91 -5.66
C TYR A 117 14.88 13.44 -5.35
N PRO A 118 15.91 12.69 -4.90
CA PRO A 118 15.63 11.29 -4.60
C PRO A 118 14.70 11.05 -3.41
N ASP A 119 14.51 12.06 -2.56
CA ASP A 119 13.66 11.95 -1.37
C ASP A 119 12.23 12.38 -1.59
N VAL A 120 11.97 13.15 -2.65
CA VAL A 120 10.69 13.85 -2.77
C VAL A 120 9.49 12.89 -2.72
N LEU A 121 9.52 11.82 -3.50
CA LEU A 121 8.35 10.95 -3.61
C LEU A 121 7.96 10.32 -2.24
N SER A 122 8.96 9.74 -1.56
CA SER A 122 8.69 9.09 -0.27
C SER A 122 8.24 10.10 0.78
N HIS A 123 8.83 11.31 0.73
CA HIS A 123 8.48 12.35 1.71
C HIS A 123 7.07 12.84 1.50
N VAL A 124 6.72 13.12 0.24
CA VAL A 124 5.34 13.51 -0.08
C VAL A 124 4.33 12.42 0.38
N ALA A 125 4.63 11.16 0.07
CA ALA A 125 3.72 10.06 0.42
C ALA A 125 3.55 10.02 1.94
N ALA A 126 4.66 10.12 2.67
CA ALA A 126 4.62 10.08 4.13
C ALA A 126 3.70 11.17 4.69
N ILE A 127 3.77 12.38 4.11
CA ILE A 127 2.87 13.48 4.57
C ILE A 127 1.41 13.16 4.23
N ALA A 128 1.17 12.72 3.00
CA ALA A 128 -0.17 12.35 2.54
C ALA A 128 -0.84 11.34 3.47
N ARG A 129 -0.07 10.35 3.95
CA ARG A 129 -0.63 9.25 4.80
C ARG A 129 -1.26 9.79 6.08
N THR A 130 -0.83 10.98 6.53
CA THR A 130 -1.30 11.50 7.82
C THR A 130 -2.63 12.22 7.69
N PHE A 131 -3.13 12.39 6.46
CA PHE A 131 -4.43 13.02 6.23
C PHE A 131 -5.50 11.94 6.05
N CYS A 132 -5.96 11.40 7.18
CA CYS A 132 -6.83 10.21 7.13
C CYS A 132 -8.22 10.64 6.67
N LYS A 133 -8.68 10.08 5.55
CA LYS A 133 -9.99 10.44 5.01
C LYS A 133 -11.10 9.98 5.92
N PHE A 134 -10.97 8.79 6.50
CA PHE A 134 -12.14 8.14 7.05
C PHE A 134 -12.42 8.51 8.52
N SER A 135 -13.63 9.01 8.78
CA SER A 135 -14.08 9.19 10.17
C SER A 135 -15.60 9.12 10.22
N MET A 136 -16.12 8.49 11.26
CA MET A 136 -17.54 8.55 11.54
C MET A 136 -17.86 9.26 12.84
N LYS A 137 -16.93 10.11 13.28
CA LYS A 137 -17.25 10.99 14.39
C LYS A 137 -18.41 11.94 14.05
N THR A 138 -19.28 12.23 15.01
CA THR A 138 -20.51 12.99 14.72
C THR A 138 -20.38 14.45 15.12
N SER A 139 -19.21 14.81 15.64
CA SER A 139 -18.85 16.21 15.83
C SER A 139 -17.37 16.39 15.50
N GLY A 140 -16.96 17.64 15.27
CA GLY A 140 -15.54 17.94 15.17
C GLY A 140 -14.90 17.67 13.82
N ILE A 141 -15.70 17.28 12.83
CA ILE A 141 -15.13 16.91 11.52
C ILE A 141 -14.75 18.19 10.78
N ARG A 142 -13.52 18.26 10.32
CA ARG A 142 -13.05 19.46 9.61
C ARG A 142 -12.42 19.05 8.29
N GLU A 143 -12.74 19.75 7.22
CA GLU A 143 -12.03 19.54 5.96
C GLU A 143 -11.01 20.66 5.77
N LEU A 144 -9.82 20.28 5.34
CA LEU A 144 -8.71 21.22 5.25
C LEU A 144 -8.26 21.32 3.83
N ASN A 145 -7.66 22.44 3.50
N ASN A 145 -7.67 22.45 3.47
CA ASN A 145 -7.01 22.62 2.22
CA ASN A 145 -7.02 22.56 2.18
C ASN A 145 -5.51 22.42 2.49
C ASN A 145 -5.51 22.47 2.38
N VAL A 146 -4.95 21.34 1.96
CA VAL A 146 -3.51 21.05 2.17
C VAL A 146 -2.71 21.35 0.91
N ASN A 147 -1.66 22.16 1.05
CA ASN A 147 -0.69 22.35 -0.01
C ASN A 147 0.68 21.84 0.46
N ILE A 148 1.21 20.84 -0.24
CA ILE A 148 2.58 20.40 -0.05
C ILE A 148 3.45 21.05 -1.12
N ASP A 149 4.21 22.06 -0.70
CA ASP A 149 5.11 22.82 -1.57
C ASP A 149 6.52 22.27 -1.50
N VAL A 150 6.94 21.66 -2.60
CA VAL A 150 8.21 21.00 -2.63
C VAL A 150 9.22 22.01 -3.15
N VAL A 151 10.30 22.18 -2.39
CA VAL A 151 11.42 23.03 -2.79
C VAL A 151 12.54 22.10 -3.28
N CYS A 152 12.61 21.94 -4.58
CA CYS A 152 13.54 21.02 -5.22
C CYS A 152 13.73 21.47 -6.67
N ASP A 153 14.99 21.77 -7.03
CA ASP A 153 15.37 22.28 -8.35
C ASP A 153 14.84 21.45 -9.52
N LYS A 154 15.01 20.13 -9.42
CA LYS A 154 14.81 19.25 -10.54
C LYS A 154 13.32 18.93 -10.78
N LEU A 155 12.47 19.18 -9.80
CA LEU A 155 11.05 18.82 -9.94
C LEU A 155 10.36 19.55 -11.09
N THR A 156 9.59 18.81 -11.89
CA THR A 156 8.79 19.41 -12.95
C THR A 156 7.32 19.58 -12.54
N ASN A 157 6.58 20.36 -13.32
CA ASN A 157 5.14 20.46 -13.08
C ASN A 157 4.39 19.13 -13.28
N GLU A 158 4.83 18.33 -14.25
CA GLU A 158 4.28 17.00 -14.43
C GLU A 158 4.54 16.11 -13.21
N ASP A 159 5.74 16.20 -12.64
CA ASP A 159 6.02 15.50 -11.38
C ASP A 159 5.01 15.86 -10.29
N ALA A 160 4.64 17.14 -10.20
CA ALA A 160 3.75 17.60 -9.14
C ALA A 160 2.35 17.03 -9.35
N VAL A 161 1.94 16.89 -10.62
CA VAL A 161 0.65 16.23 -10.92
C VAL A 161 0.71 14.78 -10.44
N PHE A 162 1.77 14.09 -10.80
CA PHE A 162 1.90 12.70 -10.38
C PHE A 162 1.89 12.59 -8.84
N LEU A 163 2.61 13.46 -8.15
CA LEU A 163 2.69 13.39 -6.69
C LEU A 163 1.34 13.68 -6.03
N THR A 164 0.54 14.57 -6.64
CA THR A 164 -0.82 14.79 -6.17
C THR A 164 -1.67 13.52 -6.36
N ASP A 165 -1.53 12.88 -7.52
CA ASP A 165 -2.23 11.62 -7.79
C ASP A 165 -1.74 10.50 -6.86
N LEU A 166 -0.45 10.47 -6.60
CA LEU A 166 0.08 9.48 -5.67
C LEU A 166 -0.46 9.71 -4.26
N SER A 167 -0.46 10.97 -3.81
CA SER A 167 -1.06 11.32 -2.53
C SER A 167 -2.50 10.82 -2.45
N GLU A 168 -3.27 11.01 -3.50
CA GLU A 168 -4.65 10.53 -3.54
C GLU A 168 -4.70 9.01 -3.48
N SER A 169 -3.81 8.34 -4.21
CA SER A 169 -3.85 6.87 -4.24
C SER A 169 -3.51 6.33 -2.84
N VAL A 170 -2.55 6.95 -2.19
CA VAL A 170 -2.15 6.61 -0.80
C VAL A 170 -3.33 6.79 0.14
N ARG A 171 -3.95 7.98 0.09
CA ARG A 171 -5.10 8.24 1.00
C ARG A 171 -6.33 7.40 0.70
N GLU A 172 -6.54 7.07 -0.57
CA GLU A 172 -7.64 6.16 -0.95
C GLU A 172 -7.42 4.74 -0.43
N THR A 173 -6.20 4.23 -0.61
CA THR A 173 -5.86 2.89 -0.07
C THR A 173 -6.17 2.86 1.43
N ALA A 174 -5.68 3.86 2.17
CA ALA A 174 -5.89 3.95 3.61
C ALA A 174 -7.38 4.09 3.98
N ARG A 175 -8.12 4.92 3.22
CA ARG A 175 -9.57 5.06 3.46
C ARG A 175 -10.30 3.72 3.35
N LEU A 176 -9.98 2.96 2.29
CA LEU A 176 -10.62 1.67 2.06
C LEU A 176 -10.29 0.74 3.24
N ILE A 177 -9.03 0.76 3.68
CA ILE A 177 -8.60 -0.07 4.81
C ILE A 177 -9.31 0.33 6.11
N ASP A 178 -9.43 1.63 6.38
CA ASP A 178 -9.97 2.11 7.68
C ASP A 178 -11.48 1.93 7.79
N THR A 179 -12.16 1.81 6.66
CA THR A 179 -13.64 1.74 6.64
C THR A 179 -14.05 0.38 7.24
N PRO A 180 -14.96 0.38 8.21
CA PRO A 180 -15.38 -0.91 8.79
C PRO A 180 -16.10 -1.76 7.77
N ALA A 181 -16.07 -3.08 7.94
CA ALA A 181 -16.60 -3.96 6.91
C ALA A 181 -18.13 -4.01 6.85
N ASN A 182 -18.83 -3.54 7.88
CA ASN A 182 -20.29 -3.37 7.74
C ASN A 182 -20.66 -2.31 6.71
N ILE A 183 -19.68 -1.49 6.36
CA ILE A 183 -19.87 -0.50 5.29
C ILE A 183 -19.14 -0.95 4.03
N LEU A 184 -17.84 -1.24 4.16
CA LEU A 184 -17.07 -1.77 3.02
C LEU A 184 -17.25 -3.28 2.93
N THR A 185 -18.41 -3.67 2.41
CA THR A 185 -18.71 -5.08 2.14
C THR A 185 -18.02 -5.54 0.85
N THR A 186 -18.16 -6.83 0.48
CA THR A 186 -17.64 -7.25 -0.82
C THR A 186 -18.26 -6.43 -1.95
N ASP A 187 -19.57 -6.23 -1.87
CA ASP A 187 -20.31 -5.41 -2.86
C ASP A 187 -19.73 -4.00 -2.95
N ALA A 188 -19.49 -3.39 -1.80
CA ALA A 188 -18.99 -2.01 -1.79
C ALA A 188 -17.57 -1.96 -2.36
N LEU A 189 -16.74 -2.94 -2.04
CA LEU A 189 -15.38 -2.95 -2.63
C LEU A 189 -15.38 -3.23 -4.15
N VAL A 190 -16.25 -4.12 -4.61
CA VAL A 190 -16.47 -4.26 -6.07
C VAL A 190 -16.82 -2.88 -6.66
N ASP A 191 -17.74 -2.16 -6.03
CA ASP A 191 -18.16 -0.84 -6.55
C ASP A 191 -17.00 0.15 -6.61
N GLU A 192 -16.18 0.16 -5.55
CA GLU A 192 -14.98 1.00 -5.51
C GLU A 192 -14.01 0.66 -6.65
N ALA A 193 -13.80 -0.62 -6.93
CA ALA A 193 -12.88 -1.02 -7.99
C ALA A 193 -13.46 -0.62 -9.34
N VAL A 194 -14.76 -0.83 -9.49
CA VAL A 194 -15.43 -0.46 -10.75
C VAL A 194 -15.38 1.05 -11.03
N LYS A 195 -15.47 1.87 -9.98
CA LYS A 195 -15.28 3.32 -10.13
C LYS A 195 -13.91 3.67 -10.72
N VAL A 196 -12.87 3.06 -10.18
CA VAL A 196 -11.51 3.25 -10.71
C VAL A 196 -11.43 2.68 -12.16
N GLY A 197 -12.04 1.52 -12.37
CA GLY A 197 -12.15 0.94 -13.72
C GLY A 197 -12.73 1.93 -14.73
N ASN A 198 -13.81 2.61 -14.34
CA ASN A 198 -14.45 3.58 -15.22
CA ASN A 198 -14.45 3.60 -15.21
C ASN A 198 -13.55 4.79 -15.45
N ALA A 199 -13.00 5.34 -14.37
CA ALA A 199 -12.13 6.54 -14.44
C ALA A 199 -10.91 6.32 -15.32
N THR A 200 -10.39 5.10 -15.31
CA THR A 200 -9.19 4.77 -16.09
C THR A 200 -9.47 4.24 -17.51
N GLY A 201 -10.73 4.19 -17.91
CA GLY A 201 -11.11 3.63 -19.20
C GLY A 201 -10.73 2.18 -19.39
N SER A 202 -10.72 1.41 -18.28
CA SER A 202 -10.33 0.01 -18.29
C SER A 202 -11.39 -0.86 -18.94
N LYS A 203 -10.96 -2.00 -19.46
CA LYS A 203 -11.88 -3.10 -19.70
C LYS A 203 -12.15 -3.75 -18.34
N ILE A 204 -13.43 -3.85 -17.96
CA ILE A 204 -13.79 -4.30 -16.61
C ILE A 204 -14.49 -5.66 -16.66
N THR A 205 -13.98 -6.63 -15.89
CA THR A 205 -14.67 -7.93 -15.76
C THR A 205 -15.02 -8.14 -14.29
N VAL A 206 -16.27 -8.52 -14.02
CA VAL A 206 -16.72 -8.82 -12.66
C VAL A 206 -17.38 -10.18 -12.72
N ILE A 207 -16.85 -11.12 -11.93
CA ILE A 207 -17.41 -12.46 -11.83
C ILE A 207 -17.80 -12.64 -10.37
N ARG A 208 -19.05 -12.96 -10.12
CA ARG A 208 -19.61 -12.72 -8.78
C ARG A 208 -20.47 -13.91 -8.34
N GLY A 209 -20.42 -14.28 -7.05
CA GLY A 209 -21.39 -15.24 -6.49
C GLY A 209 -21.28 -16.60 -7.17
N GLU A 210 -22.44 -17.13 -7.58
CA GLU A 210 -22.47 -18.46 -8.22
C GLU A 210 -21.71 -18.52 -9.55
N GLU A 211 -21.52 -17.37 -10.20
CA GLU A 211 -20.73 -17.35 -11.45
C GLU A 211 -19.30 -17.79 -11.18
N LEU A 212 -18.78 -17.49 -9.99
CA LEU A 212 -17.43 -17.96 -9.61
C LEU A 212 -17.35 -19.48 -9.52
N LEU A 213 -18.32 -20.07 -8.83
CA LEU A 213 -18.43 -21.52 -8.72
C LEU A 213 -18.48 -22.16 -10.10
N LYS A 214 -19.40 -21.67 -10.95
CA LYS A 214 -19.56 -22.22 -12.30
C LYS A 214 -18.32 -22.09 -13.15
N ALA A 215 -17.58 -20.99 -12.97
CA ALA A 215 -16.36 -20.72 -13.76
C ALA A 215 -15.11 -21.43 -13.22
N GLY A 216 -15.24 -22.09 -12.08
CA GLY A 216 -14.18 -22.92 -11.53
C GLY A 216 -13.27 -22.20 -10.54
N PHE A 217 -13.67 -21.01 -10.06
CA PHE A 217 -12.87 -20.27 -9.09
C PHE A 217 -13.12 -20.83 -7.69
N GLY A 218 -12.66 -22.06 -7.44
CA GLY A 218 -13.02 -22.74 -6.19
C GLY A 218 -12.47 -22.03 -4.96
N GLY A 219 -11.26 -21.46 -5.07
CA GLY A 219 -10.67 -20.74 -3.94
C GLY A 219 -11.51 -19.53 -3.59
N ILE A 220 -11.76 -18.66 -4.57
CA ILE A 220 -12.50 -17.41 -4.30
C ILE A 220 -13.92 -17.75 -3.82
N TYR A 221 -14.58 -18.66 -4.52
CA TYR A 221 -15.97 -19.00 -4.19
C TYR A 221 -16.09 -19.64 -2.81
N HIS A 222 -15.30 -20.68 -2.56
CA HIS A 222 -15.51 -21.41 -1.31
C HIS A 222 -15.12 -20.61 -0.07
N VAL A 223 -14.09 -19.78 -0.18
CA VAL A 223 -13.77 -18.87 0.92
C VAL A 223 -14.91 -17.91 1.22
N GLY A 224 -15.45 -17.30 0.16
CA GLY A 224 -16.41 -16.19 0.35
C GLY A 224 -17.89 -16.57 0.46
N LYS A 225 -18.19 -17.86 0.29
CA LYS A 225 -19.61 -18.33 0.18
C LYS A 225 -20.41 -18.13 1.47
N ALA A 226 -19.73 -18.04 2.61
CA ALA A 226 -20.44 -17.80 3.88
C ALA A 226 -20.38 -16.31 4.29
N GLY A 227 -20.04 -15.44 3.35
CA GLY A 227 -20.12 -13.97 3.65
C GLY A 227 -21.57 -13.47 3.55
N PRO A 228 -21.85 -12.33 4.19
CA PRO A 228 -23.19 -11.74 4.11
C PRO A 228 -23.50 -11.17 2.72
N THR A 229 -22.46 -10.86 1.93
CA THR A 229 -22.62 -10.43 0.54
C THR A 229 -21.63 -11.30 -0.26
N PRO A 230 -21.91 -11.52 -1.54
CA PRO A 230 -21.20 -12.60 -2.23
C PRO A 230 -19.73 -12.33 -2.62
N PRO A 231 -18.97 -13.41 -2.84
CA PRO A 231 -17.60 -13.25 -3.28
C PRO A 231 -17.56 -12.66 -4.72
N ALA A 232 -16.45 -12.03 -5.10
CA ALA A 232 -16.28 -11.50 -6.46
C ALA A 232 -14.85 -11.54 -6.84
N PHE A 233 -14.63 -11.63 -8.14
CA PHE A 233 -13.32 -11.41 -8.74
C PHE A 233 -13.47 -10.28 -9.76
N VAL A 234 -12.67 -9.24 -9.59
CA VAL A 234 -12.76 -8.06 -10.46
C VAL A 234 -11.45 -7.89 -11.19
N VAL A 235 -11.51 -7.74 -12.51
CA VAL A 235 -10.31 -7.47 -13.31
C VAL A 235 -10.47 -6.10 -13.96
N LEU A 236 -9.50 -5.21 -13.78
CA LEU A 236 -9.40 -3.99 -14.58
C LEU A 236 -8.23 -4.19 -15.52
N SER A 237 -8.47 -4.09 -16.83
CA SER A 237 -7.39 -4.29 -17.81
C SER A 237 -7.11 -3.03 -18.62
N HIS A 238 -5.81 -2.71 -18.69
CA HIS A 238 -5.24 -1.59 -19.47
C HIS A 238 -4.40 -2.26 -20.55
N GLU A 239 -5.03 -2.50 -21.70
CA GLU A 239 -4.40 -3.30 -22.74
C GLU A 239 -3.69 -2.42 -23.76
N VAL A 240 -2.41 -2.70 -23.96
CA VAL A 240 -1.59 -1.92 -24.86
C VAL A 240 -1.12 -2.86 -25.97
N PRO A 241 -1.75 -2.78 -27.15
CA PRO A 241 -1.38 -3.63 -28.29
C PRO A 241 0.11 -3.52 -28.52
N GLY A 242 0.76 -4.67 -28.70
CA GLY A 242 2.18 -4.71 -28.98
C GLY A 242 3.12 -4.43 -27.80
N SER A 243 2.59 -4.32 -26.59
CA SER A 243 3.47 -3.99 -25.45
C SER A 243 4.42 -5.16 -25.24
N THR A 244 5.62 -4.87 -24.76
CA THR A 244 6.58 -5.94 -24.50
C THR A 244 6.27 -6.67 -23.18
N GLU A 245 5.79 -5.91 -22.19
CA GLU A 245 5.39 -6.48 -20.88
C GLU A 245 3.88 -6.68 -20.72
N HIS A 246 3.52 -7.63 -19.86
CA HIS A 246 2.13 -7.94 -19.59
C HIS A 246 2.09 -8.23 -18.09
N ILE A 247 1.68 -7.22 -17.32
CA ILE A 247 1.92 -7.20 -15.88
C ILE A 247 0.57 -7.32 -15.16
N ALA A 248 0.48 -8.22 -14.19
CA ALA A 248 -0.74 -8.34 -13.37
C ALA A 248 -0.44 -7.95 -11.94
N LEU A 249 -1.35 -7.16 -11.35
CA LEU A 249 -1.31 -6.82 -9.94
C LEU A 249 -2.49 -7.52 -9.26
N VAL A 250 -2.19 -8.61 -8.55
CA VAL A 250 -3.25 -9.42 -7.94
C VAL A 250 -3.29 -9.05 -6.44
N GLY A 251 -4.47 -8.68 -5.94
CA GLY A 251 -4.61 -8.23 -4.56
C GLY A 251 -5.59 -9.06 -3.74
N LYS A 252 -5.21 -9.33 -2.48
CA LYS A 252 -6.09 -10.00 -1.51
C LYS A 252 -7.10 -9.01 -0.95
N GLY A 253 -8.37 -9.23 -1.28
CA GLY A 253 -9.45 -8.35 -0.85
C GLY A 253 -10.42 -8.99 0.13
N VAL A 254 -9.88 -9.48 1.24
CA VAL A 254 -10.75 -10.03 2.27
C VAL A 254 -11.32 -8.88 3.09
N VAL A 255 -12.57 -8.52 2.80
CA VAL A 255 -13.16 -7.32 3.40
C VAL A 255 -13.32 -7.46 4.92
N TYR A 256 -13.50 -8.70 5.39
CA TYR A 256 -13.39 -8.99 6.81
C TYR A 256 -13.00 -10.43 6.96
N ASP A 257 -12.10 -10.68 7.91
CA ASP A 257 -11.67 -12.05 8.19
C ASP A 257 -12.02 -12.42 9.65
N THR A 258 -13.10 -13.18 9.84
CA THR A 258 -13.41 -13.74 11.17
C THR A 258 -12.50 -14.94 11.49
N GLY A 259 -11.75 -15.42 10.48
CA GLY A 259 -10.98 -16.65 10.57
C GLY A 259 -11.73 -17.85 9.96
N GLY A 260 -13.06 -17.70 9.86
CA GLY A 260 -13.91 -18.82 9.43
C GLY A 260 -14.23 -19.75 10.58
N LEU A 261 -14.62 -20.99 10.30
CA LEU A 261 -14.97 -21.88 11.40
CA LEU A 261 -14.95 -21.94 11.37
C LEU A 261 -13.82 -22.16 12.37
N GLN A 262 -12.57 -22.10 11.89
CA GLN A 262 -11.42 -22.01 12.80
C GLN A 262 -11.25 -20.54 13.18
N ILE A 263 -12.13 -20.12 14.07
CA ILE A 263 -12.40 -18.69 14.30
C ILE A 263 -11.25 -18.01 15.03
N LYS A 264 -11.03 -16.73 14.71
CA LYS A 264 -10.06 -15.92 15.44
C LYS A 264 -10.50 -15.69 16.88
N THR A 265 -9.54 -15.32 17.72
CA THR A 265 -9.80 -15.15 19.15
C THR A 265 -10.45 -13.80 19.39
N LYS A 266 -10.88 -13.62 20.64
CA LYS A 266 -11.48 -12.34 21.07
C LYS A 266 -10.56 -11.15 20.78
N THR A 267 -9.25 -11.33 21.02
CA THR A 267 -8.31 -10.21 20.77
C THR A 267 -7.69 -10.28 19.39
N GLY A 268 -7.80 -11.42 18.72
CA GLY A 268 -7.27 -11.60 17.36
C GLY A 268 -8.16 -11.04 16.26
N MET A 269 -9.45 -10.93 16.54
CA MET A 269 -10.40 -10.57 15.46
C MET A 269 -10.55 -9.07 15.21
N PRO A 270 -10.49 -8.22 16.27
CA PRO A 270 -10.47 -6.80 15.94
C PRO A 270 -9.29 -6.46 14.99
N ASN A 271 -9.51 -5.46 14.14
CA ASN A 271 -8.59 -5.05 13.06
C ASN A 271 -8.79 -5.79 11.75
N MET A 272 -9.62 -6.85 11.75
CA MET A 272 -9.72 -7.67 10.56
C MET A 272 -10.52 -7.11 9.36
N LYS A 273 -11.11 -5.91 9.52
CA LYS A 273 -11.49 -5.09 8.36
C LYS A 273 -10.30 -4.77 7.46
N ARG A 274 -9.07 -4.85 8.00
CA ARG A 274 -7.89 -4.41 7.26
C ARG A 274 -7.34 -5.52 6.36
N ASP A 275 -8.02 -6.68 6.35
CA ASP A 275 -7.52 -7.82 5.59
C ASP A 275 -7.71 -7.72 4.05
N MET A 276 -8.20 -6.57 3.60
CA MET A 276 -8.30 -6.24 2.17
C MET A 276 -7.25 -5.20 1.75
N GLY A 277 -6.27 -4.94 2.62
CA GLY A 277 -5.25 -3.93 2.31
C GLY A 277 -4.44 -4.19 1.02
N GLY A 278 -4.22 -5.46 0.70
CA GLY A 278 -3.56 -5.82 -0.55
C GLY A 278 -4.36 -5.39 -1.79
N ALA A 279 -5.65 -5.71 -1.80
CA ALA A 279 -6.52 -5.33 -2.93
C ALA A 279 -6.59 -3.83 -3.04
N ALA A 280 -6.75 -3.14 -1.90
CA ALA A 280 -6.80 -1.66 -1.94
C ALA A 280 -5.52 -1.10 -2.53
N GLY A 281 -4.39 -1.61 -2.08
CA GLY A 281 -3.09 -1.06 -2.54
C GLY A 281 -2.83 -1.34 -4.02
N MET A 282 -3.22 -2.53 -4.49
CA MET A 282 -3.05 -2.86 -5.93
C MET A 282 -3.98 -1.99 -6.81
N LEU A 283 -5.23 -1.85 -6.38
CA LEU A 283 -6.20 -1.00 -7.07
C LEU A 283 -5.69 0.44 -7.21
N GLU A 284 -5.18 0.99 -6.11
CA GLU A 284 -4.74 2.38 -6.13
C GLU A 284 -3.40 2.60 -6.80
N ALA A 285 -2.54 1.57 -6.76
CA ALA A 285 -1.33 1.57 -7.62
C ALA A 285 -1.69 1.59 -9.11
N TYR A 286 -2.62 0.72 -9.50
CA TYR A 286 -3.08 0.65 -10.89
C TYR A 286 -3.60 2.03 -11.31
N SER A 287 -4.43 2.62 -10.45
CA SER A 287 -4.97 3.96 -10.72
C SER A 287 -3.86 5.00 -10.97
N ALA A 288 -2.90 5.08 -10.07
CA ALA A 288 -1.81 6.08 -10.21
C ALA A 288 -0.98 5.86 -11.50
N LEU A 289 -0.69 4.60 -11.84
CA LEU A 289 0.11 4.29 -13.02
C LEU A 289 -0.66 4.61 -14.30
N VAL A 290 -1.92 4.22 -14.35
CA VAL A 290 -2.71 4.36 -15.58
C VAL A 290 -3.02 5.84 -15.86
N LYS A 291 -3.03 6.65 -14.80
CA LYS A 291 -3.23 8.10 -14.97
CA LYS A 291 -3.22 8.11 -14.95
C LYS A 291 -2.05 8.76 -15.66
N HIS A 292 -0.94 8.05 -15.78
CA HIS A 292 0.26 8.68 -16.29
C HIS A 292 0.89 7.96 -17.47
N GLY A 293 0.05 7.62 -18.45
CA GLY A 293 0.52 7.17 -19.74
C GLY A 293 1.26 5.85 -19.67
N PHE A 294 0.73 4.91 -18.90
CA PHE A 294 1.43 3.63 -18.69
C PHE A 294 1.51 2.83 -19.99
N SER A 295 2.72 2.50 -20.39
CA SER A 295 3.02 2.12 -21.76
C SER A 295 2.92 0.60 -21.98
N GLN A 296 2.77 -0.17 -20.90
CA GLN A 296 2.69 -1.62 -21.00
C GLN A 296 1.32 -2.13 -20.66
N THR A 297 1.03 -3.39 -20.98
CA THR A 297 -0.26 -3.92 -20.65
C THR A 297 -0.24 -4.20 -19.14
N LEU A 298 -1.32 -3.81 -18.47
CA LEU A 298 -1.38 -3.85 -17.00
C LEU A 298 -2.77 -4.29 -16.59
N HIS A 299 -2.83 -5.19 -15.59
CA HIS A 299 -4.12 -5.67 -15.09
C HIS A 299 -4.13 -5.56 -13.55
N ALA A 300 -5.25 -5.11 -12.99
CA ALA A 300 -5.49 -5.25 -11.54
C ALA A 300 -6.50 -6.38 -11.38
N CYS A 301 -6.17 -7.39 -10.56
CA CYS A 301 -7.05 -8.54 -10.37
C CYS A 301 -7.33 -8.60 -8.87
N LEU A 302 -8.58 -8.35 -8.49
CA LEU A 302 -8.95 -8.21 -7.08
C LEU A 302 -9.80 -9.37 -6.64
N CYS A 303 -9.34 -10.10 -5.61
CA CYS A 303 -10.07 -11.26 -5.12
C CYS A 303 -10.81 -10.80 -3.89
N ILE A 304 -12.14 -10.68 -3.98
CA ILE A 304 -12.92 -9.90 -2.98
C ILE A 304 -13.93 -10.83 -2.29
N VAL A 305 -13.68 -11.13 -1.02
CA VAL A 305 -14.51 -12.11 -0.28
C VAL A 305 -14.69 -11.64 1.16
N GLU A 306 -15.71 -12.13 1.84
CA GLU A 306 -15.73 -12.03 3.29
C GLU A 306 -15.68 -13.44 3.87
N ASN A 307 -14.78 -13.65 4.84
CA ASN A 307 -14.54 -14.98 5.43
C ASN A 307 -15.31 -15.06 6.76
N ASN A 308 -16.49 -15.69 6.74
CA ASN A 308 -17.39 -15.65 7.90
C ASN A 308 -17.88 -17.05 8.23
N VAL A 309 -18.84 -17.13 9.15
CA VAL A 309 -19.15 -18.37 9.84
C VAL A 309 -20.63 -18.74 9.62
N SER A 310 -20.85 -19.90 8.99
CA SER A 310 -22.21 -20.46 8.89
C SER A 310 -22.10 -21.95 8.57
N PRO A 311 -23.24 -22.65 8.59
CA PRO A 311 -23.20 -24.08 8.23
C PRO A 311 -22.71 -24.40 6.82
N ILE A 312 -22.71 -23.40 5.92
CA ILE A 312 -22.17 -23.63 4.58
C ILE A 312 -20.72 -23.21 4.41
N ALA A 313 -20.10 -22.68 5.48
CA ALA A 313 -18.71 -22.20 5.36
C ALA A 313 -17.72 -23.37 5.18
N ASN A 314 -16.55 -23.09 4.63
CA ASN A 314 -15.38 -23.98 4.71
C ASN A 314 -15.19 -24.53 6.14
N LYS A 315 -14.81 -25.80 6.23
CA LYS A 315 -14.54 -26.52 7.47
C LYS A 315 -13.17 -27.20 7.28
N PRO A 316 -12.31 -27.25 8.29
CA PRO A 316 -11.05 -27.95 8.04
C PRO A 316 -11.29 -29.44 7.79
N ASP A 317 -10.61 -29.95 6.75
CA ASP A 317 -10.79 -31.29 6.14
C ASP A 317 -11.41 -31.17 4.75
N ASP A 318 -12.17 -30.10 4.50
CA ASP A 318 -12.81 -29.91 3.19
C ASP A 318 -11.75 -29.96 2.09
N ILE A 319 -12.07 -30.58 0.97
CA ILE A 319 -11.17 -30.55 -0.20
C ILE A 319 -11.90 -29.86 -1.34
N ILE A 320 -11.27 -28.83 -1.89
CA ILE A 320 -11.85 -28.08 -3.01
C ILE A 320 -10.94 -28.14 -4.26
N LYS A 321 -11.54 -27.88 -5.42
CA LYS A 321 -10.77 -27.80 -6.67
C LYS A 321 -10.61 -26.32 -7.04
N MET A 322 -9.36 -25.93 -7.22
CA MET A 322 -8.97 -24.54 -7.47
C MET A 322 -9.18 -24.24 -8.96
N LEU A 323 -9.08 -22.96 -9.33
CA LEU A 323 -9.18 -22.58 -10.76
C LEU A 323 -8.16 -23.36 -11.60
N SER A 324 -7.00 -23.66 -11.01
CA SER A 324 -5.89 -24.36 -11.69
C SER A 324 -6.23 -25.82 -12.06
N GLY A 325 -7.30 -26.33 -11.46
CA GLY A 325 -7.65 -27.74 -11.59
C GLY A 325 -7.05 -28.60 -10.48
N LYS A 326 -6.10 -28.04 -9.71
CA LYS A 326 -5.47 -28.79 -8.60
C LYS A 326 -6.39 -28.84 -7.37
N THR A 327 -6.25 -29.87 -6.54
CA THR A 327 -7.08 -29.94 -5.33
C THR A 327 -6.32 -29.44 -4.09
N VAL A 328 -7.03 -28.79 -3.18
CA VAL A 328 -6.40 -28.31 -1.96
C VAL A 328 -7.25 -28.82 -0.77
N GLU A 329 -6.58 -29.46 0.19
CA GLU A 329 -7.23 -29.83 1.47
C GLU A 329 -7.10 -28.65 2.39
N ILE A 330 -8.24 -28.07 2.76
CA ILE A 330 -8.24 -26.91 3.66
C ILE A 330 -8.14 -27.45 5.08
N ASN A 331 -6.97 -27.26 5.72
CA ASN A 331 -6.87 -27.58 7.15
C ASN A 331 -6.86 -26.34 8.03
N ASN A 332 -6.95 -25.18 7.41
CA ASN A 332 -6.98 -23.92 8.13
C ASN A 332 -7.85 -22.91 7.38
N THR A 333 -9.07 -22.71 7.87
CA THR A 333 -10.02 -21.79 7.24
C THR A 333 -9.56 -20.35 7.32
N ASP A 334 -8.63 -20.05 8.24
CA ASP A 334 -8.07 -18.69 8.40
C ASP A 334 -6.86 -18.47 7.46
N ALA A 335 -6.43 -19.52 6.76
CA ALA A 335 -5.39 -19.39 5.74
C ALA A 335 -6.12 -19.25 4.39
N GLU A 336 -7.01 -18.25 4.35
CA GLU A 336 -7.96 -18.10 3.23
C GLU A 336 -7.43 -17.19 2.12
N GLY A 337 -6.59 -16.22 2.48
CA GLY A 337 -6.01 -15.32 1.47
C GLY A 337 -5.23 -16.07 0.39
N ARG A 338 -4.49 -17.07 0.81
CA ARG A 338 -3.66 -17.80 -0.13
C ARG A 338 -4.51 -18.64 -1.11
N LEU A 339 -5.68 -19.10 -0.66
CA LEU A 339 -6.63 -19.83 -1.53
C LEU A 339 -7.15 -18.89 -2.61
N ILE A 340 -7.61 -17.71 -2.21
CA ILE A 340 -8.20 -16.83 -3.20
C ILE A 340 -7.14 -16.31 -4.19
N LEU A 341 -5.93 -16.05 -3.68
CA LEU A 341 -4.84 -15.60 -4.52
C LEU A 341 -4.35 -16.68 -5.46
N ALA A 342 -4.41 -17.95 -5.06
CA ALA A 342 -4.06 -19.06 -5.97
C ALA A 342 -4.92 -18.98 -7.26
N ASP A 343 -6.20 -18.67 -7.09
CA ASP A 343 -7.05 -18.49 -8.28
C ASP A 343 -6.69 -17.22 -9.07
N GLY A 344 -6.42 -16.13 -8.35
CA GLY A 344 -6.14 -14.84 -9.03
C GLY A 344 -4.87 -14.91 -9.86
N VAL A 345 -3.84 -15.56 -9.31
CA VAL A 345 -2.56 -15.68 -9.99
CA VAL A 345 -2.56 -15.68 -10.03
C VAL A 345 -2.66 -16.67 -11.18
N PHE A 346 -3.39 -17.76 -10.99
CA PHE A 346 -3.63 -18.68 -12.11
C PHE A 346 -4.40 -17.99 -13.25
N TYR A 347 -5.44 -17.27 -12.89
CA TYR A 347 -6.17 -16.48 -13.89
C TYR A 347 -5.25 -15.52 -14.64
N ALA A 348 -4.41 -14.80 -13.91
CA ALA A 348 -3.49 -13.83 -14.53
C ALA A 348 -2.58 -14.54 -15.52
N LYS A 349 -2.08 -15.71 -15.15
CA LYS A 349 -1.20 -16.47 -16.07
C LYS A 349 -1.96 -17.00 -17.27
N GLU A 350 -3.03 -17.75 -16.99
N GLU A 350 -3.05 -17.72 -17.02
CA GLU A 350 -3.73 -18.59 -17.97
CA GLU A 350 -3.66 -18.53 -18.07
C GLU A 350 -4.62 -17.76 -18.90
C GLU A 350 -4.72 -17.83 -18.91
N THR A 351 -5.42 -16.88 -18.31
CA THR A 351 -6.43 -16.12 -19.04
C THR A 351 -5.87 -14.81 -19.54
N LEU A 352 -5.20 -14.06 -18.67
CA LEU A 352 -4.64 -12.77 -19.08
C LEU A 352 -3.32 -12.85 -19.83
N LYS A 353 -2.66 -14.02 -19.81
CA LYS A 353 -1.33 -14.17 -20.41
C LYS A 353 -0.28 -13.23 -19.84
N ALA A 354 -0.41 -12.90 -18.55
CA ALA A 354 0.57 -12.01 -17.90
C ALA A 354 1.89 -12.79 -17.75
N THR A 355 3.00 -12.10 -17.99
CA THR A 355 4.33 -12.69 -17.86
C THR A 355 5.12 -12.11 -16.69
N THR A 356 4.55 -11.09 -16.04
CA THR A 356 5.02 -10.61 -14.74
C THR A 356 3.79 -10.56 -13.83
N ILE A 357 3.80 -11.38 -12.78
CA ILE A 357 2.62 -11.49 -11.89
C ILE A 357 3.04 -11.14 -10.46
N PHE A 358 2.48 -10.05 -9.95
CA PHE A 358 2.68 -9.63 -8.56
C PHE A 358 1.42 -9.96 -7.81
N ASP A 359 1.56 -10.49 -6.60
CA ASP A 359 0.41 -10.58 -5.72
C ASP A 359 0.79 -9.92 -4.41
N MET A 360 -0.13 -9.16 -3.82
CA MET A 360 0.17 -8.45 -2.60
C MET A 360 -0.98 -8.68 -1.65
N ALA A 361 -0.66 -8.94 -0.39
CA ALA A 361 -1.67 -9.43 0.56
C ALA A 361 -1.25 -9.12 1.98
N THR A 362 -2.23 -8.83 2.82
CA THR A 362 -2.03 -8.86 4.27
C THR A 362 -2.20 -10.32 4.70
N LEU A 363 -1.15 -11.13 4.52
CA LEU A 363 -1.36 -12.56 4.44
C LEU A 363 -1.22 -13.25 5.81
N THR A 364 -0.15 -12.94 6.54
CA THR A 364 0.20 -13.72 7.76
C THR A 364 0.66 -12.82 8.89
N GLY A 365 0.24 -13.17 10.12
CA GLY A 365 0.86 -12.65 11.33
C GLY A 365 2.35 -12.98 11.42
N ALA A 366 2.74 -14.14 10.86
CA ALA A 366 4.14 -14.57 10.84
C ALA A 366 5.06 -13.60 10.10
N GLN A 367 4.50 -12.83 9.15
CA GLN A 367 5.32 -11.90 8.35
C GLN A 367 6.17 -10.92 9.22
N ALA A 368 5.59 -10.41 10.31
CA ALA A 368 6.29 -9.49 11.23
C ALA A 368 7.53 -10.15 11.87
N TRP A 369 7.49 -11.47 12.03
CA TRP A 369 8.65 -12.19 12.60
C TRP A 369 9.77 -12.40 11.57
N LEU A 370 9.44 -12.22 10.30
CA LEU A 370 10.41 -12.33 9.24
C LEU A 370 11.02 -10.97 8.88
N SER A 371 10.15 -10.00 8.56
CA SER A 371 10.62 -8.71 8.03
C SER A 371 10.27 -7.52 8.93
N GLY A 372 9.65 -7.78 10.08
CA GLY A 372 9.30 -6.68 10.99
C GLY A 372 8.06 -5.93 10.48
N ARG A 373 7.83 -4.73 11.02
CA ARG A 373 6.54 -4.06 10.81
C ARG A 373 6.58 -2.96 9.75
N LEU A 374 7.78 -2.63 9.27
CA LEU A 374 7.95 -1.58 8.26
C LEU A 374 8.22 -2.12 6.86
N HIS A 375 8.68 -3.38 6.77
CA HIS A 375 9.08 -3.97 5.49
C HIS A 375 8.04 -5.02 5.05
N GLY A 376 7.56 -4.90 3.82
CA GLY A 376 6.78 -6.02 3.26
C GLY A 376 7.77 -7.16 2.98
N ALA A 377 7.29 -8.39 2.95
CA ALA A 377 8.16 -9.54 2.75
C ALA A 377 7.91 -10.09 1.36
N ALA A 378 8.94 -10.03 0.51
CA ALA A 378 8.81 -10.43 -0.90
C ALA A 378 9.45 -11.79 -1.18
N MET A 379 8.67 -12.65 -1.81
CA MET A 379 9.17 -13.95 -2.25
C MET A 379 8.96 -14.08 -3.75
N THR A 380 10.06 -14.31 -4.47
CA THR A 380 10.01 -14.34 -5.93
C THR A 380 10.94 -15.41 -6.52
N ASN A 381 10.54 -15.98 -7.65
CA ASN A 381 11.38 -16.90 -8.43
C ASN A 381 12.48 -16.18 -9.19
N ASP A 382 12.45 -14.86 -9.20
CA ASP A 382 13.38 -14.06 -10.03
C ASP A 382 14.28 -13.17 -9.18
N GLU A 383 15.57 -13.54 -9.11
CA GLU A 383 16.52 -12.80 -8.28
C GLU A 383 16.67 -11.32 -8.65
N GLN A 384 16.71 -11.02 -9.94
CA GLN A 384 16.81 -9.64 -10.38
C GLN A 384 15.59 -8.82 -9.94
N LEU A 385 14.41 -9.42 -10.06
CA LEU A 385 13.18 -8.72 -9.62
C LEU A 385 13.23 -8.49 -8.09
N GLU A 386 13.75 -9.47 -7.34
CA GLU A 386 13.93 -9.31 -5.91
C GLU A 386 14.77 -8.07 -5.60
N ASN A 387 15.95 -7.96 -6.22
CA ASN A 387 16.78 -6.76 -6.05
C ASN A 387 16.06 -5.50 -6.48
N GLU A 388 15.34 -5.57 -7.58
CA GLU A 388 14.68 -4.38 -8.10
C GLU A 388 13.56 -3.87 -7.17
N ILE A 389 12.80 -4.79 -6.56
CA ILE A 389 11.70 -4.36 -5.67
C ILE A 389 12.27 -3.86 -4.35
N ILE A 390 13.43 -4.38 -3.93
CA ILE A 390 14.04 -3.86 -2.70
C ILE A 390 14.49 -2.42 -2.95
N LYS A 391 15.09 -2.21 -4.12
CA LYS A 391 15.49 -0.88 -4.54
C LYS A 391 14.29 0.10 -4.64
N ALA A 392 13.20 -0.38 -5.24
CA ALA A 392 11.92 0.37 -5.28
C ALA A 392 11.37 0.69 -3.89
N GLY A 393 11.49 -0.25 -2.94
CA GLY A 393 11.08 -0.01 -1.55
C GLY A 393 11.86 1.14 -0.91
N LYS A 394 13.16 1.17 -1.17
CA LYS A 394 14.03 2.21 -0.63
C LYS A 394 13.68 3.57 -1.24
N ALA A 395 13.43 3.59 -2.55
CA ALA A 395 13.16 4.84 -3.25
C ALA A 395 11.76 5.39 -2.94
N SER A 396 10.82 4.51 -2.60
CA SER A 396 9.41 4.90 -2.37
C SER A 396 9.10 5.13 -0.91
N GLY A 397 9.91 4.56 -0.01
CA GLY A 397 9.52 4.47 1.40
C GLY A 397 8.56 3.33 1.80
N ASP A 398 8.06 2.58 0.81
CA ASP A 398 7.25 1.37 1.09
C ASP A 398 8.28 0.22 1.12
N LEU A 399 8.92 0.02 2.26
CA LEU A 399 10.08 -0.88 2.35
C LEU A 399 9.74 -2.32 2.04
N VAL A 400 10.71 -3.03 1.47
CA VAL A 400 10.54 -4.45 1.10
C VAL A 400 11.80 -5.20 1.53
N ALA A 401 11.61 -6.37 2.14
CA ALA A 401 12.71 -7.26 2.52
C ALA A 401 12.48 -8.61 1.84
N PRO A 402 13.56 -9.34 1.54
CA PRO A 402 13.36 -10.59 0.84
C PRO A 402 13.06 -11.78 1.76
N MET A 403 12.19 -12.66 1.26
N MET A 403 12.32 -12.74 1.23
CA MET A 403 11.97 -14.00 1.80
CA MET A 403 12.02 -13.96 1.95
C MET A 403 12.79 -15.01 1.01
C MET A 403 12.43 -15.13 1.06
N LEU A 404 13.10 -16.14 1.64
CA LEU A 404 13.70 -17.27 0.92
C LEU A 404 12.73 -17.86 -0.08
N PHE A 405 13.25 -18.15 -1.26
CA PHE A 405 12.50 -18.85 -2.29
C PHE A 405 13.05 -20.27 -2.43
N ALA A 406 12.33 -21.24 -1.89
CA ALA A 406 12.82 -22.63 -1.94
C ALA A 406 11.67 -23.65 -1.96
N PRO A 407 10.94 -23.75 -3.09
CA PRO A 407 9.83 -24.70 -3.12
C PRO A 407 10.33 -26.13 -2.88
N ASP A 408 11.50 -26.47 -3.40
CA ASP A 408 12.05 -27.83 -3.14
C ASP A 408 12.22 -28.14 -1.65
N LEU A 409 12.68 -27.17 -0.87
CA LEU A 409 12.90 -27.41 0.57
C LEU A 409 11.62 -27.31 1.39
N PHE A 410 10.70 -26.43 1.00
CA PHE A 410 9.61 -26.02 1.89
C PHE A 410 8.21 -26.47 1.48
N PHE A 411 8.00 -26.81 0.21
CA PHE A 411 6.63 -27.12 -0.25
C PHE A 411 6.10 -28.41 0.40
N GLY A 412 7.03 -29.27 0.79
CA GLY A 412 6.66 -30.47 1.55
C GLY A 412 5.96 -30.18 2.87
N ASP A 413 6.12 -28.97 3.41
CA ASP A 413 5.30 -28.52 4.55
C ASP A 413 3.77 -28.60 4.26
N LEU A 414 3.39 -28.57 2.99
CA LEU A 414 1.97 -28.59 2.62
C LEU A 414 1.54 -29.93 2.06
N LYS A 415 2.31 -30.98 2.33
CA LYS A 415 1.94 -32.31 1.83
C LYS A 415 0.56 -32.76 2.34
N SER A 416 -0.21 -33.40 1.47
CA SER A 416 -1.52 -33.97 1.81
C SER A 416 -1.55 -35.40 1.34
N SER A 417 -2.16 -36.26 2.14
CA SER A 417 -2.35 -37.65 1.72
C SER A 417 -3.44 -37.81 0.67
N ILE A 418 -4.40 -36.89 0.65
CA ILE A 418 -5.59 -37.15 -0.15
CA ILE A 418 -5.65 -37.11 -0.07
C ILE A 418 -5.91 -36.04 -1.15
N ALA A 419 -5.20 -34.92 -1.06
CA ALA A 419 -5.36 -33.90 -2.08
C ALA A 419 -3.99 -33.53 -2.61
N ASP A 420 -3.95 -32.67 -3.62
CA ASP A 420 -2.67 -32.28 -4.18
C ASP A 420 -1.81 -31.54 -3.17
N MET A 421 -2.44 -30.86 -2.23
CA MET A 421 -1.71 -30.17 -1.15
C MET A 421 -2.71 -29.76 -0.09
N LYS A 422 -2.19 -29.42 1.08
CA LYS A 422 -2.99 -28.73 2.11
C LYS A 422 -2.73 -27.22 1.94
N ASN A 423 -3.60 -26.38 2.49
CA ASN A 423 -3.34 -24.93 2.46
C ASN A 423 -2.42 -24.40 3.57
N SER A 424 -2.23 -25.18 4.64
CA SER A 424 -1.33 -24.72 5.70
C SER A 424 -0.75 -25.90 6.44
N ASN A 425 0.13 -25.60 7.38
CA ASN A 425 0.67 -26.61 8.29
C ASN A 425 0.48 -26.06 9.70
N LEU A 426 -0.21 -26.82 10.54
CA LEU A 426 -0.59 -26.32 11.84
C LEU A 426 0.40 -26.71 12.93
N GLY A 427 1.47 -27.40 12.53
CA GLY A 427 2.53 -27.74 13.46
C GLY A 427 3.89 -27.18 13.07
N LYS A 428 4.92 -27.97 13.30
CA LYS A 428 6.28 -27.56 12.98
C LYS A 428 6.47 -27.69 11.48
N MET A 429 7.12 -26.71 10.89
CA MET A 429 7.40 -26.80 9.48
C MET A 429 8.84 -26.39 9.19
N ASP A 430 9.37 -26.79 8.04
CA ASP A 430 10.76 -26.44 7.71
C ASP A 430 10.90 -25.02 7.20
N GLY A 431 9.89 -24.51 6.49
CA GLY A 431 9.98 -23.14 5.94
C GLY A 431 9.57 -22.06 6.93
N PRO A 432 9.99 -20.82 6.67
CA PRO A 432 9.35 -19.69 7.39
C PRO A 432 7.84 -19.76 7.05
N PRO A 433 6.93 -19.70 8.04
CA PRO A 433 5.50 -19.80 7.73
C PRO A 433 5.00 -18.82 6.66
N SER A 434 5.55 -17.60 6.62
CA SER A 434 5.16 -16.63 5.57
C SER A 434 5.56 -17.07 4.17
N ALA A 435 6.67 -17.81 4.07
CA ALA A 435 7.15 -18.32 2.79
C ALA A 435 6.26 -19.48 2.35
N VAL A 436 5.93 -20.35 3.30
CA VAL A 436 5.07 -21.49 3.01
C VAL A 436 3.70 -21.01 2.53
N ALA A 437 3.19 -19.96 3.17
CA ALA A 437 1.93 -19.35 2.75
C ALA A 437 2.02 -18.89 1.30
N GLY A 438 3.12 -18.24 0.93
CA GLY A 438 3.29 -17.82 -0.47
C GLY A 438 3.42 -18.98 -1.44
N LEU A 439 4.05 -20.08 -0.98
CA LEU A 439 4.24 -21.25 -1.85
C LEU A 439 2.93 -21.95 -2.15
N LEU A 440 1.94 -21.86 -1.25
CA LEU A 440 0.62 -22.40 -1.58
C LEU A 440 0.09 -21.67 -2.83
N ILE A 441 0.22 -20.35 -2.86
CA ILE A 441 -0.19 -19.57 -4.03
C ILE A 441 0.58 -20.03 -5.28
N GLY A 442 1.90 -20.03 -5.17
CA GLY A 442 2.74 -20.35 -6.34
C GLY A 442 2.61 -21.78 -6.85
N ALA A 443 2.18 -22.69 -5.98
CA ALA A 443 2.01 -24.10 -6.38
C ALA A 443 0.99 -24.27 -7.52
N HIS A 444 0.17 -23.25 -7.76
CA HIS A 444 -0.86 -23.32 -8.79
C HIS A 444 -0.42 -22.69 -10.11
N ILE A 445 0.78 -22.11 -10.10
CA ILE A 445 1.46 -21.67 -11.34
C ILE A 445 2.92 -22.17 -11.45
N GLY A 446 3.19 -23.39 -10.99
CA GLY A 446 4.52 -23.98 -11.13
C GLY A 446 5.59 -23.13 -10.47
N PHE A 447 5.21 -22.45 -9.40
CA PHE A 447 6.11 -21.55 -8.66
C PHE A 447 6.74 -20.46 -9.54
N GLY A 448 6.02 -20.07 -10.60
CA GLY A 448 6.48 -18.98 -11.48
C GLY A 448 7.24 -19.46 -12.70
N GLU A 449 7.34 -20.78 -12.89
CA GLU A 449 8.19 -21.34 -13.97
C GLU A 449 7.84 -20.67 -15.32
N GLY A 450 8.87 -20.23 -16.05
CA GLY A 450 8.66 -19.61 -17.36
C GLY A 450 8.26 -18.13 -17.36
N LEU A 451 8.06 -17.55 -16.18
CA LEU A 451 7.65 -16.15 -16.08
C LEU A 451 8.25 -15.53 -14.83
N ARG A 452 7.86 -14.30 -14.49
CA ARG A 452 8.32 -13.73 -13.22
C ARG A 452 7.11 -13.61 -12.28
N TRP A 453 7.24 -14.18 -11.09
CA TRP A 453 6.17 -14.18 -10.10
C TRP A 453 6.77 -13.63 -8.81
N LEU A 454 6.08 -12.66 -8.20
CA LEU A 454 6.51 -12.13 -6.93
C LEU A 454 5.31 -12.00 -6.01
N HIS A 455 5.45 -12.61 -4.82
CA HIS A 455 4.43 -12.53 -3.77
C HIS A 455 4.93 -11.57 -2.68
N LEU A 456 4.06 -10.66 -2.22
CA LEU A 456 4.48 -9.64 -1.28
C LEU A 456 3.50 -9.65 -0.10
N ASP A 457 3.97 -9.98 1.09
CA ASP A 457 3.14 -10.03 2.29
C ASP A 457 3.32 -8.72 3.08
N ILE A 458 2.22 -8.01 3.25
CA ILE A 458 2.27 -6.65 3.79
C ILE A 458 1.41 -6.51 5.06
N ALA A 459 1.16 -7.63 5.74
CA ALA A 459 0.25 -7.60 6.89
C ALA A 459 0.57 -6.48 7.87
N ALA A 460 1.82 -6.40 8.31
CA ALA A 460 2.20 -5.38 9.30
C ALA A 460 2.45 -3.98 8.69
N PRO A 461 3.24 -3.88 7.59
CA PRO A 461 3.49 -2.52 7.06
C PRO A 461 2.27 -1.77 6.51
N ALA A 462 1.18 -2.50 6.29
CA ALA A 462 -0.07 -1.89 5.82
C ALA A 462 -0.76 -1.03 6.88
N GLU A 463 -0.27 -1.07 8.12
CA GLU A 463 -0.94 -0.33 9.19
C GLU A 463 0.03 0.18 10.23
N VAL A 464 -0.30 1.32 10.86
CA VAL A 464 0.40 1.76 12.09
C VAL A 464 -0.68 2.21 13.05
N GLY A 465 -0.68 1.66 14.26
CA GLY A 465 -1.64 2.07 15.27
C GLY A 465 -3.00 1.69 14.74
N ASP A 466 -3.94 2.63 14.74
CA ASP A 466 -5.32 2.39 14.33
CA ASP A 466 -5.26 2.23 14.27
C ASP A 466 -5.62 2.74 12.88
N ARG A 467 -4.58 3.00 12.09
CA ARG A 467 -4.74 3.56 10.77
C ARG A 467 -3.99 2.79 9.69
N GLY A 468 -4.62 2.59 8.54
CA GLY A 468 -3.93 2.14 7.34
C GLY A 468 -2.84 3.12 6.94
N THR A 469 -1.72 2.59 6.47
CA THR A 469 -0.63 3.46 5.97
C THR A 469 -0.81 3.82 4.50
N GLY A 470 -1.66 3.10 3.78
CA GLY A 470 -1.71 3.28 2.32
C GLY A 470 -0.49 2.74 1.58
N TYR A 471 0.08 1.65 2.11
CA TYR A 471 1.21 0.96 1.46
C TYR A 471 0.81 0.39 0.11
N GLY A 472 1.70 0.54 -0.88
CA GLY A 472 1.51 -0.15 -2.15
C GLY A 472 1.63 0.80 -3.36
N PRO A 473 0.79 1.86 -3.41
CA PRO A 473 0.92 2.82 -4.54
C PRO A 473 2.32 3.44 -4.71
N ALA A 474 2.97 3.80 -3.62
CA ALA A 474 4.32 4.41 -3.75
C ALA A 474 5.30 3.35 -4.26
N LEU A 475 5.27 2.15 -3.67
CA LEU A 475 6.14 1.04 -4.10
C LEU A 475 6.01 0.76 -5.60
N PHE A 476 4.78 0.57 -6.08
CA PHE A 476 4.61 0.21 -7.48
C PHE A 476 4.79 1.37 -8.45
N SER A 477 4.58 2.58 -7.97
CA SER A 477 4.91 3.76 -8.77
C SER A 477 6.39 3.82 -9.06
N THR A 478 7.21 3.55 -8.04
CA THR A 478 8.67 3.56 -8.24
CA THR A 478 8.65 3.56 -8.19
C THR A 478 9.12 2.33 -8.99
N LEU A 479 8.54 1.18 -8.69
CA LEU A 479 8.93 -0.06 -9.39
C LEU A 479 8.62 -0.04 -10.90
N LEU A 480 7.42 0.41 -11.24
CA LEU A 480 6.92 0.33 -12.61
C LEU A 480 6.83 1.71 -13.28
N GLY A 481 7.28 2.75 -12.58
CA GLY A 481 7.19 4.13 -13.07
C GLY A 481 8.01 4.43 -14.33
N LYS A 482 8.99 3.58 -14.63
CA LYS A 482 9.76 3.74 -15.90
C LYS A 482 8.87 3.58 -17.14
N TYR A 483 7.68 2.99 -16.99
CA TYR A 483 6.74 2.85 -18.09
C TYR A 483 5.70 3.97 -18.18
N THR A 484 5.83 4.95 -17.29
CA THR A 484 4.96 6.14 -17.31
C THR A 484 5.66 7.30 -18.00
N SER A 485 4.91 8.40 -18.16
CA SER A 485 5.47 9.63 -18.68
C SER A 485 6.07 10.52 -17.60
N VAL A 486 6.15 10.04 -16.36
CA VAL A 486 6.52 10.95 -15.26
C VAL A 486 8.03 11.13 -15.16
N PRO A 487 8.54 12.37 -15.33
CA PRO A 487 9.99 12.56 -15.34
C PRO A 487 10.73 11.97 -14.13
N MET A 488 10.23 12.22 -12.92
CA MET A 488 10.89 11.72 -11.71
C MET A 488 10.84 10.20 -11.55
N LEU A 489 10.00 9.53 -12.33
CA LEU A 489 9.93 8.06 -12.28
C LEU A 489 10.76 7.41 -13.38
N LYS A 490 11.27 8.20 -14.30
CA LYS A 490 11.79 7.65 -15.54
C LYS A 490 13.29 7.47 -15.40
ZN ZN B . -7.42 -15.50 7.60
ZN ZN C . -6.92 -13.10 5.78
C BCT D . -3.80 -16.38 4.50
O1 BCT D . -4.73 -15.58 4.53
O2 BCT D . -2.85 -16.32 5.31
O3 BCT D . -3.83 -17.36 3.63
S SO4 E . -6.51 10.17 13.57
O1 SO4 E . -5.72 11.23 12.95
O2 SO4 E . -7.92 10.27 13.15
O3 SO4 E . -5.93 8.87 13.18
O4 SO4 E . -6.51 10.27 15.03
S SO4 F . -18.80 20.80 15.51
O1 SO4 F . -18.93 20.50 14.08
O2 SO4 F . -19.38 22.11 15.79
O3 SO4 F . -19.51 19.78 16.28
O4 SO4 F . -17.39 20.79 15.90
NA NA G . -16.74 20.15 18.00
C1 GOL H . 3.58 -28.00 -7.16
O1 GOL H . 4.71 -28.61 -7.75
C2 GOL H . 2.30 -28.43 -7.83
O2 GOL H . 2.56 -29.43 -8.81
C3 GOL H . 1.37 -28.94 -6.74
O3 GOL H . 0.53 -30.00 -7.17
C1 GOL I . -3.55 -18.03 9.01
O1 GOL I . -3.68 -18.54 10.32
C2 GOL I . -2.86 -16.66 8.95
O2 GOL I . -1.46 -16.80 8.98
C3 GOL I . -3.26 -15.80 10.12
O3 GOL I . -2.20 -14.90 10.34
C1 GOL J . -3.83 -9.97 8.24
O1 GOL J . -4.89 -9.32 7.63
C2 GOL J . -3.98 -11.50 8.26
O2 GOL J . -2.79 -11.94 8.87
C3 GOL J . -5.13 -11.97 9.16
O3 GOL J . -5.07 -13.39 9.28
C1 GOL K . 11.08 -5.02 -14.26
O1 GOL K . 11.24 -5.93 -13.21
C2 GOL K . 9.88 -4.20 -13.84
O2 GOL K . 10.23 -2.84 -13.92
C3 GOL K . 8.71 -4.60 -14.73
O3 GOL K . 9.14 -5.34 -15.85
C1 GOL L . 16.26 20.76 -1.23
O1 GOL L . 15.51 21.89 -0.84
C2 GOL L . 17.22 21.13 -2.35
O2 GOL L . 18.55 20.87 -1.92
C3 GOL L . 16.90 20.34 -3.61
O3 GOL L . 17.16 21.15 -4.75
C1 GOL M . 20.60 13.11 0.02
O1 GOL M . 20.13 12.60 1.24
C2 GOL M . 19.76 12.56 -1.12
O2 GOL M . 18.49 13.13 -1.01
C3 GOL M . 20.37 12.84 -2.48
O3 GOL M . 20.50 14.22 -2.73
C1 GOL N . 6.95 20.38 -17.38
O1 GOL N . 6.23 19.38 -16.68
C2 GOL N . 8.03 20.97 -16.48
O2 GOL N . 9.27 21.08 -17.15
C3 GOL N . 7.63 22.30 -15.88
O3 GOL N . 8.20 22.39 -14.59
C1 GOL O . 13.40 39.48 1.45
O1 GOL O . 14.46 38.74 1.98
C2 GOL O . 13.08 38.90 0.08
O2 GOL O . 11.88 39.44 -0.44
C3 GOL O . 14.22 39.16 -0.89
O3 GOL O . 15.30 38.32 -0.54
C1 GOL P . -4.57 27.27 -1.80
O1 GOL P . -4.95 27.43 -0.45
C2 GOL P . -4.59 28.60 -2.54
O2 GOL P . -3.40 28.74 -3.29
C3 GOL P . -5.83 28.68 -3.40
O3 GOL P . -6.86 29.32 -2.68
C1 GOL Q . 1.28 -1.80 15.22
O1 GOL Q . 1.11 -1.38 13.89
C2 GOL Q . 2.28 -0.88 15.89
O2 GOL Q . 3.54 -1.08 15.29
C3 GOL Q . 1.85 0.57 15.66
O3 GOL Q . 1.61 1.24 16.89
C1 GOL R . 19.56 16.38 -5.94
O1 GOL R . 19.66 15.25 -6.78
C2 GOL R . 18.23 17.10 -6.16
O2 GOL R . 17.74 17.55 -4.94
C3 GOL R . 18.39 18.36 -7.01
O3 GOL R . 17.17 19.05 -6.97
C1 GOL S . -24.26 -3.97 -4.94
O1 GOL S . -23.54 -2.83 -4.47
C2 GOL S . -23.74 -4.41 -6.30
O2 GOL S . -23.09 -3.35 -6.99
C3 GOL S . -22.74 -5.55 -6.16
O3 GOL S . -21.47 -5.08 -6.54
C1 GOL T . 1.46 31.36 -6.13
O1 GOL T . 1.67 30.43 -7.17
C2 GOL T . 2.76 32.05 -5.75
O2 GOL T . 3.59 32.23 -6.86
C3 GOL T . 2.45 33.38 -5.10
O3 GOL T . 2.71 33.26 -3.73
C1 GOL U . -19.23 1.11 -9.84
O1 GOL U . -19.06 1.92 -8.74
C2 GOL U . -20.33 0.08 -9.64
O2 GOL U . -21.34 0.30 -10.60
C3 GOL U . -19.77 -1.29 -9.88
O3 GOL U . -20.68 -2.25 -9.43
C1 GOL V . -1.21 -20.43 8.44
O1 GOL V . -1.69 -21.51 9.16
C2 GOL V . 0.04 -20.01 9.14
O2 GOL V . 0.98 -21.06 9.14
C3 GOL V . 0.63 -18.73 8.57
O3 GOL V . 1.46 -18.17 9.55
C1 GOL W . -5.30 -29.71 -13.85
O1 GOL W . -5.82 -31.02 -13.93
C2 GOL W . -4.07 -29.68 -12.96
O2 GOL W . -4.07 -30.77 -12.06
C3 GOL W . -2.82 -29.79 -13.80
O3 GOL W . -1.77 -29.16 -13.10
#